data_9J3O
#
_entry.id   9J3O
#
_cell.length_a   1.00
_cell.length_b   1.00
_cell.length_c   1.00
_cell.angle_alpha   90.00
_cell.angle_beta   90.00
_cell.angle_gamma   90.00
#
_symmetry.space_group_name_H-M   'P 1'
#
loop_
_entity.id
_entity.type
_entity.pdbx_description
1 polymer 'ADP,ATP carrier protein 1'
2 polymer 1D10
#
loop_
_entity_poly.entity_id
_entity_poly.type
_entity_poly.pdbx_seq_one_letter_code
_entity_poly.pdbx_strand_id
1 'polypeptide(L)'
;MTKTEEKPFGKLRSFLWPIHTHELKKVLPMFLMFFCITFNYTVLRDTKDTLIVGAPGSGAEAIPFIKFWLVVPCAIIFML
IYAKLSNILSKQALFYAVGTPFLIFFALFPTVIYPLRDVLHPTEFADRLQAILPPGLLGLVAILRNWTFAAFYVLAELWG
SVMLSLMFWGFANEITKIHEAKRFYALFGIGANISLLASGRAIVWASKLRASVSEGVDPWGISLRLLMAMTIVSGLVLMA
SYWWINKNVLTDPRFYNPEEMQKGKKGAKPKMNMKDSFLYLARSPYILLLALLVIAYGICINLIEVTWKSQLKLQYPNMN
DYSEFMGNFSFWTGVVSVLIMLFVGGNVIRKFGWLTGALVTPVMVLLTGIVFFALVIFRNQASGLVAMFGTTPLMLAVVV
GAIQNILSKSTKYALFDSTKEMAYIPLDQEQKVKGKAAIDVVAARFGKSGGALIQQGLLVICGSIGAMTPYLAVILLFII
AIWLVSATKLNKLFLAQSALKEQEVAQEDSAPASSVDELTSRGRGSGGLNDIFEAQKIEWHEGSGLEVLFQGPDYKDDDD
KWSHPQFEKGGGGSGGSAWSHPQFEK
;
A
2 'polypeptide(L)'
;EVQLVESGGGLVQAGGSLRLSCAASGFTFSDTYMGWFRQAPGKEREFVATIDYSGGHTLYADSVKGRFTISRDNSKNTVY
LQMNSLNPEDTAVYYCAARKRYHYYSYWGQGTQVTVSSLEH
;
B
#
# COMPACT_ATOMS: atom_id res chain seq x y z
N PRO A 8 6.16 -23.69 31.17
CA PRO A 8 7.14 -22.84 30.49
C PRO A 8 7.09 -23.00 28.97
N PHE A 9 7.79 -22.12 28.25
CA PHE A 9 7.85 -22.20 26.80
C PHE A 9 9.28 -22.13 26.31
N GLY A 10 10.15 -21.47 27.09
CA GLY A 10 11.54 -21.28 26.74
C GLY A 10 11.96 -19.84 26.88
N LYS A 11 13.23 -19.58 26.56
CA LYS A 11 13.80 -18.25 26.62
C LYS A 11 14.01 -17.63 25.25
N LEU A 12 14.56 -18.39 24.30
CA LEU A 12 14.73 -17.90 22.94
C LEU A 12 13.57 -18.28 22.04
N ARG A 13 12.85 -19.35 22.37
CA ARG A 13 11.71 -19.76 21.56
C ARG A 13 10.47 -18.94 21.86
N SER A 14 10.32 -18.46 23.09
CA SER A 14 9.20 -17.58 23.44
C SER A 14 9.27 -16.24 22.74
N PHE A 15 10.30 -16.02 21.94
CA PHE A 15 10.50 -14.79 21.19
C PHE A 15 10.73 -15.04 19.71
N LEU A 16 11.19 -16.23 19.33
CA LEU A 16 11.51 -16.59 17.96
C LEU A 16 10.48 -17.46 17.29
N TRP A 17 9.83 -18.37 18.02
CA TRP A 17 8.81 -19.26 17.46
C TRP A 17 7.82 -19.62 18.56
N PRO A 18 6.87 -18.74 18.86
CA PRO A 18 5.92 -18.94 19.96
C PRO A 18 4.76 -19.88 19.62
N ILE A 19 5.09 -21.03 19.03
CA ILE A 19 4.10 -22.03 18.66
C ILE A 19 4.53 -23.38 19.23
N HIS A 20 3.66 -23.98 20.04
CA HIS A 20 3.90 -25.34 20.49
C HIS A 20 3.84 -26.31 19.31
N THR A 21 4.57 -27.42 19.43
CA THR A 21 4.59 -28.41 18.36
C THR A 21 3.24 -29.08 18.17
N HIS A 22 2.41 -29.14 19.22
CA HIS A 22 1.09 -29.73 19.07
C HIS A 22 0.11 -28.80 18.37
N GLU A 23 0.25 -27.48 18.59
CA GLU A 23 -0.63 -26.51 17.95
C GLU A 23 -0.10 -26.08 16.60
N LEU A 24 0.29 -27.07 15.80
CA LEU A 24 0.56 -26.89 14.38
C LEU A 24 -0.61 -27.33 13.53
N LYS A 25 -1.40 -28.28 14.04
CA LYS A 25 -2.54 -28.80 13.30
C LYS A 25 -3.65 -27.76 13.18
N LYS A 26 -3.58 -26.68 13.96
CA LYS A 26 -4.53 -25.58 13.83
C LYS A 26 -4.02 -24.45 12.95
N VAL A 27 -2.70 -24.29 12.84
CA VAL A 27 -2.12 -23.13 12.16
C VAL A 27 -1.70 -23.45 10.73
N LEU A 28 -1.13 -24.63 10.48
CA LEU A 28 -0.80 -25.00 9.10
C LEU A 28 -2.02 -25.09 8.19
N PRO A 29 -3.13 -25.71 8.61
CA PRO A 29 -4.35 -25.61 7.79
C PRO A 29 -4.81 -24.19 7.55
N MET A 30 -4.69 -23.31 8.56
CA MET A 30 -5.00 -21.90 8.34
C MET A 30 -4.00 -21.24 7.42
N PHE A 31 -2.72 -21.65 7.46
CA PHE A 31 -1.77 -21.17 6.47
C PHE A 31 -2.18 -21.58 5.07
N LEU A 32 -2.64 -22.82 4.90
CA LEU A 32 -3.10 -23.27 3.59
C LEU A 32 -4.34 -22.50 3.15
N MET A 33 -5.25 -22.21 4.09
CA MET A 33 -6.42 -21.41 3.77
C MET A 33 -6.04 -20.03 3.29
N PHE A 34 -5.16 -19.36 4.05
CA PHE A 34 -4.71 -18.03 3.66
C PHE A 34 -3.99 -18.07 2.33
N PHE A 35 -3.19 -19.13 2.11
CA PHE A 35 -2.48 -19.30 0.85
C PHE A 35 -3.45 -19.41 -0.31
N CYS A 36 -4.47 -20.27 -0.18
CA CYS A 36 -5.45 -20.43 -1.24
C CYS A 36 -6.22 -19.15 -1.49
N ILE A 37 -6.64 -18.47 -0.41
CA ILE A 37 -7.42 -17.24 -0.57
C ILE A 37 -6.61 -16.18 -1.28
N THR A 38 -5.38 -15.94 -0.82
CA THR A 38 -4.56 -14.89 -1.43
C THR A 38 -4.13 -15.26 -2.84
N PHE A 39 -3.90 -16.54 -3.10
CA PHE A 39 -3.59 -16.99 -4.46
C PHE A 39 -4.76 -16.72 -5.39
N ASN A 40 -5.97 -17.08 -4.96
CA ASN A 40 -7.16 -16.79 -5.75
C ASN A 40 -7.33 -15.29 -5.95
N TYR A 41 -7.10 -14.51 -4.90
CA TYR A 41 -7.28 -13.06 -4.99
C TYR A 41 -6.31 -12.44 -5.99
N THR A 42 -5.03 -12.81 -5.91
CA THR A 42 -4.04 -12.27 -6.83
C THR A 42 -4.32 -12.71 -8.25
N VAL A 43 -4.67 -13.98 -8.45
CA VAL A 43 -4.97 -14.46 -9.80
C VAL A 43 -6.19 -13.74 -10.36
N LEU A 44 -7.23 -13.57 -9.55
CA LEU A 44 -8.44 -12.91 -10.01
C LEU A 44 -8.20 -11.45 -10.34
N ARG A 45 -7.44 -10.75 -9.50
CA ARG A 45 -7.12 -9.35 -9.79
C ARG A 45 -6.33 -9.24 -11.10
N ASP A 46 -5.26 -10.04 -11.22
CA ASP A 46 -4.42 -9.94 -12.41
C ASP A 46 -5.06 -10.52 -13.65
N THR A 47 -6.13 -11.31 -13.52
CA THR A 47 -6.84 -11.76 -14.71
C THR A 47 -8.00 -10.85 -15.08
N LYS A 48 -8.60 -10.13 -14.12
CA LYS A 48 -9.61 -9.15 -14.50
C LYS A 48 -8.98 -7.90 -15.11
N ASP A 49 -7.89 -7.40 -14.51
CA ASP A 49 -7.22 -6.23 -15.07
C ASP A 49 -6.50 -6.54 -16.38
N THR A 50 -6.38 -7.82 -16.74
CA THR A 50 -5.80 -8.21 -18.01
C THR A 50 -6.84 -8.70 -19.00
N LEU A 51 -7.98 -9.21 -18.52
CA LEU A 51 -9.09 -9.59 -19.37
C LEU A 51 -9.85 -8.39 -19.88
N ILE A 52 -10.04 -7.36 -19.05
CA ILE A 52 -10.70 -6.18 -19.61
C ILE A 52 -9.62 -5.25 -20.14
N VAL A 53 -8.98 -5.66 -21.24
CA VAL A 53 -8.20 -4.77 -22.09
C VAL A 53 -8.48 -5.15 -23.54
N GLY A 54 -9.05 -6.35 -23.73
CA GLY A 54 -9.07 -6.96 -25.05
C GLY A 54 -10.40 -7.55 -25.47
N ALA A 55 -11.49 -6.94 -25.07
CA ALA A 55 -12.78 -7.35 -25.59
C ALA A 55 -12.89 -6.94 -27.06
N PRO A 56 -13.70 -7.67 -27.84
CA PRO A 56 -13.94 -7.22 -29.23
C PRO A 56 -14.55 -5.83 -29.27
N GLY A 57 -13.80 -4.88 -29.80
CA GLY A 57 -14.22 -3.49 -29.75
C GLY A 57 -13.74 -2.79 -28.49
N SER A 58 -14.45 -1.76 -28.06
CA SER A 58 -14.09 -1.02 -26.85
C SER A 58 -14.86 -1.55 -25.64
N GLY A 59 -14.58 -2.81 -25.31
CA GLY A 59 -15.24 -3.46 -24.20
C GLY A 59 -14.56 -3.22 -22.88
N ALA A 60 -13.61 -2.29 -22.86
CA ALA A 60 -12.89 -1.93 -21.65
C ALA A 60 -13.19 -0.51 -21.16
N GLU A 61 -13.85 0.31 -21.97
CA GLU A 61 -14.16 1.68 -21.54
C GLU A 61 -15.13 1.70 -20.37
N ALA A 62 -15.93 0.65 -20.21
CA ALA A 62 -16.90 0.61 -19.10
C ALA A 62 -16.32 -0.07 -17.87
N ILE A 63 -15.12 0.32 -17.47
CA ILE A 63 -14.57 -0.05 -16.16
C ILE A 63 -15.04 0.92 -15.07
N PRO A 64 -14.90 2.25 -15.25
CA PRO A 64 -15.30 3.14 -14.14
C PRO A 64 -16.78 3.10 -13.82
N PHE A 65 -17.63 2.89 -14.84
CA PHE A 65 -19.06 2.73 -14.57
C PHE A 65 -19.30 1.55 -13.65
N ILE A 66 -18.63 0.42 -13.89
CA ILE A 66 -18.69 -0.68 -12.95
C ILE A 66 -18.18 -0.23 -11.58
N LYS A 67 -16.99 0.39 -11.57
CA LYS A 67 -16.31 0.74 -10.33
C LYS A 67 -17.17 1.57 -9.40
N PHE A 68 -18.09 2.33 -9.96
CA PHE A 68 -18.86 3.22 -9.12
C PHE A 68 -20.23 2.77 -8.97
N TRP A 69 -20.79 2.24 -9.99
CA TRP A 69 -22.18 1.93 -9.93
C TRP A 69 -22.49 0.54 -9.50
N LEU A 70 -21.55 -0.42 -9.51
CA LEU A 70 -21.79 -1.81 -9.15
C LEU A 70 -20.95 -2.28 -7.98
N VAL A 71 -19.69 -1.84 -7.90
CA VAL A 71 -18.75 -2.41 -6.92
C VAL A 71 -19.27 -2.15 -5.51
N VAL A 72 -19.44 -0.87 -5.16
CA VAL A 72 -20.01 -0.53 -3.86
C VAL A 72 -21.42 -1.09 -3.75
N PRO A 73 -22.35 -0.79 -4.68
CA PRO A 73 -23.72 -1.31 -4.50
C PRO A 73 -23.79 -2.82 -4.38
N CYS A 74 -23.05 -3.57 -5.19
CA CYS A 74 -23.04 -5.02 -5.02
C CYS A 74 -22.38 -5.42 -3.71
N ALA A 75 -21.46 -4.61 -3.19
CA ALA A 75 -20.89 -4.89 -1.88
C ALA A 75 -21.97 -4.80 -0.79
N ILE A 76 -22.80 -3.75 -0.83
CA ILE A 76 -23.92 -3.67 0.11
C ILE A 76 -24.90 -4.83 -0.11
N ILE A 77 -25.17 -5.20 -1.37
CA ILE A 77 -26.10 -6.31 -1.60
C ILE A 77 -25.55 -7.61 -1.02
N PHE A 78 -24.27 -7.91 -1.26
CA PHE A 78 -23.66 -9.09 -0.65
C PHE A 78 -23.71 -9.00 0.86
N MET A 79 -23.48 -7.81 1.42
CA MET A 79 -23.46 -7.64 2.85
C MET A 79 -24.84 -7.92 3.47
N LEU A 80 -25.90 -7.41 2.85
CA LEU A 80 -27.26 -7.72 3.30
C LEU A 80 -27.59 -9.20 3.15
N ILE A 81 -27.21 -9.82 2.03
CA ILE A 81 -27.49 -11.23 1.84
C ILE A 81 -26.75 -12.08 2.86
N TYR A 82 -25.50 -11.72 3.15
CA TYR A 82 -24.72 -12.42 4.18
C TYR A 82 -25.38 -12.25 5.54
N ALA A 83 -25.86 -11.05 5.85
CA ALA A 83 -26.57 -10.83 7.11
C ALA A 83 -27.81 -11.72 7.20
N LYS A 84 -28.54 -11.85 6.11
CA LYS A 84 -29.71 -12.74 6.09
C LYS A 84 -29.30 -14.20 6.31
N LEU A 85 -28.35 -14.69 5.53
CA LEU A 85 -27.96 -16.10 5.61
C LEU A 85 -27.30 -16.44 6.93
N SER A 86 -26.74 -15.45 7.64
CA SER A 86 -26.16 -15.73 8.95
C SER A 86 -27.21 -16.16 9.96
N ASN A 87 -28.48 -15.81 9.75
CA ASN A 87 -29.54 -16.16 10.68
C ASN A 87 -30.12 -17.55 10.44
N ILE A 88 -29.91 -18.13 9.26
CA ILE A 88 -30.55 -19.38 8.87
C ILE A 88 -29.53 -20.51 8.73
N LEU A 89 -28.35 -20.23 8.21
CA LEU A 89 -27.33 -21.25 8.02
C LEU A 89 -26.39 -21.29 9.22
N SER A 90 -25.73 -22.43 9.39
CA SER A 90 -24.70 -22.57 10.40
C SER A 90 -23.41 -21.94 9.91
N LYS A 91 -22.38 -21.93 10.77
CA LYS A 91 -21.10 -21.35 10.40
C LYS A 91 -20.51 -22.06 9.19
N GLN A 92 -20.40 -23.39 9.26
CA GLN A 92 -19.88 -24.16 8.13
C GLN A 92 -20.78 -24.01 6.91
N ALA A 93 -22.09 -24.09 7.11
CA ALA A 93 -23.03 -23.96 6.00
C ALA A 93 -22.89 -22.59 5.34
N LEU A 94 -22.74 -21.53 6.15
CA LEU A 94 -22.54 -20.20 5.58
C LEU A 94 -21.22 -20.11 4.82
N PHE A 95 -20.16 -20.72 5.35
CA PHE A 95 -18.88 -20.69 4.65
C PHE A 95 -18.99 -21.36 3.29
N TYR A 96 -19.60 -22.55 3.25
CA TYR A 96 -19.75 -23.23 1.97
C TYR A 96 -20.70 -22.48 1.04
N ALA A 97 -21.77 -21.91 1.57
CA ALA A 97 -22.75 -21.23 0.74
C ALA A 97 -22.25 -19.90 0.21
N VAL A 98 -21.19 -19.36 0.80
CA VAL A 98 -20.55 -18.19 0.21
C VAL A 98 -19.43 -18.58 -0.75
N GLY A 99 -18.71 -19.67 -0.46
CA GLY A 99 -17.62 -20.07 -1.33
C GLY A 99 -18.03 -20.76 -2.62
N THR A 100 -19.01 -21.67 -2.55
CA THR A 100 -19.43 -22.38 -3.75
C THR A 100 -19.96 -21.48 -4.87
N PRO A 101 -20.71 -20.40 -4.61
CA PRO A 101 -21.09 -19.53 -5.75
C PRO A 101 -19.89 -18.96 -6.50
N PHE A 102 -18.82 -18.62 -5.78
CA PHE A 102 -17.63 -18.11 -6.45
C PHE A 102 -17.02 -19.17 -7.36
N LEU A 103 -16.84 -20.39 -6.86
CA LEU A 103 -16.25 -21.45 -7.67
C LEU A 103 -17.16 -21.84 -8.83
N ILE A 104 -18.48 -21.82 -8.61
CA ILE A 104 -19.42 -22.12 -9.68
C ILE A 104 -19.37 -21.06 -10.77
N PHE A 105 -19.26 -19.78 -10.39
CA PHE A 105 -19.09 -18.74 -11.40
C PHE A 105 -17.76 -18.92 -12.12
N PHE A 106 -16.70 -19.27 -11.39
CA PHE A 106 -15.41 -19.45 -12.04
C PHE A 106 -15.37 -20.69 -12.92
N ALA A 107 -16.28 -21.64 -12.72
CA ALA A 107 -16.39 -22.79 -13.62
C ALA A 107 -17.27 -22.47 -14.83
N LEU A 108 -18.39 -21.78 -14.61
CA LEU A 108 -19.31 -21.43 -15.68
C LEU A 108 -18.80 -20.30 -16.56
N PHE A 109 -17.83 -19.51 -16.07
CA PHE A 109 -17.29 -18.41 -16.87
C PHE A 109 -16.64 -18.96 -18.13
N PRO A 110 -15.55 -19.75 -18.03
CA PRO A 110 -14.86 -20.15 -19.25
C PRO A 110 -15.63 -21.16 -20.08
N THR A 111 -16.55 -21.90 -19.46
CA THR A 111 -17.28 -22.95 -20.16
C THR A 111 -18.53 -22.38 -20.84
N VAL A 112 -19.34 -21.64 -20.09
CA VAL A 112 -20.64 -21.19 -20.55
C VAL A 112 -20.67 -19.69 -20.79
N ILE A 113 -20.01 -18.91 -19.94
CA ILE A 113 -20.26 -17.46 -19.91
C ILE A 113 -19.39 -16.74 -20.93
N TYR A 114 -18.07 -16.84 -20.78
CA TYR A 114 -17.17 -16.06 -21.64
C TYR A 114 -17.26 -16.46 -23.11
N PRO A 115 -17.19 -17.74 -23.50
CA PRO A 115 -17.30 -18.06 -24.93
C PRO A 115 -18.62 -17.64 -25.54
N LEU A 116 -19.72 -17.72 -24.78
CA LEU A 116 -21.01 -17.23 -25.25
C LEU A 116 -21.18 -15.75 -24.96
N ARG A 117 -20.21 -14.95 -25.41
CA ARG A 117 -20.30 -13.50 -25.21
C ARG A 117 -21.36 -12.90 -26.12
N ASP A 118 -21.18 -12.99 -27.43
CA ASP A 118 -22.03 -12.29 -28.38
C ASP A 118 -23.48 -12.77 -28.31
N VAL A 119 -23.73 -13.93 -27.73
CA VAL A 119 -25.09 -14.42 -27.59
C VAL A 119 -25.76 -13.91 -26.32
N LEU A 120 -25.02 -13.81 -25.21
CA LEU A 120 -25.60 -13.41 -23.93
C LEU A 120 -25.54 -11.92 -23.65
N HIS A 121 -24.46 -11.23 -24.08
CA HIS A 121 -24.45 -9.77 -24.02
C HIS A 121 -25.68 -9.20 -24.73
N PRO A 122 -26.04 -7.92 -24.47
CA PRO A 122 -27.32 -7.43 -24.97
C PRO A 122 -27.42 -7.69 -26.45
N THR A 123 -28.42 -8.48 -26.84
CA THR A 123 -28.86 -8.42 -28.22
C THR A 123 -28.91 -6.93 -28.48
N GLU A 124 -28.13 -6.44 -29.44
CA GLU A 124 -27.73 -5.03 -29.49
C GLU A 124 -28.92 -4.11 -29.33
N PHE A 125 -30.13 -4.67 -29.48
CA PHE A 125 -31.41 -4.00 -29.28
C PHE A 125 -31.39 -3.09 -28.05
N ALA A 126 -30.57 -3.42 -27.06
CA ALA A 126 -30.29 -2.48 -25.98
C ALA A 126 -29.25 -1.47 -26.45
N ASP A 127 -29.48 -0.88 -27.62
CA ASP A 127 -28.71 0.24 -28.14
C ASP A 127 -29.52 1.52 -28.21
N ARG A 128 -30.77 1.43 -28.68
CA ARG A 128 -31.67 2.57 -28.58
C ARG A 128 -32.00 2.87 -27.13
N LEU A 129 -31.93 1.86 -26.25
CA LEU A 129 -32.16 2.06 -24.83
C LEU A 129 -31.16 3.02 -24.23
N GLN A 130 -30.02 3.23 -24.90
CA GLN A 130 -29.11 4.31 -24.52
C GLN A 130 -29.82 5.65 -24.57
N ALA A 131 -30.46 5.96 -25.70
CA ALA A 131 -31.18 7.22 -25.86
C ALA A 131 -32.68 7.09 -25.56
N ILE A 132 -33.02 6.48 -24.43
CA ILE A 132 -34.37 6.56 -23.88
C ILE A 132 -34.26 7.00 -22.43
N LEU A 133 -33.13 6.71 -21.82
CA LEU A 133 -32.74 7.11 -20.48
C LEU A 133 -31.96 8.42 -20.52
N PRO A 134 -31.97 9.18 -19.42
CA PRO A 134 -31.32 10.49 -19.45
C PRO A 134 -29.85 10.36 -19.74
N PRO A 135 -29.27 11.32 -20.46
CA PRO A 135 -27.85 11.20 -20.85
C PRO A 135 -26.90 11.39 -19.67
N GLY A 136 -27.17 10.67 -18.58
CA GLY A 136 -26.29 10.63 -17.43
C GLY A 136 -26.13 9.21 -16.95
N LEU A 137 -26.80 8.29 -17.64
CA LEU A 137 -26.73 6.87 -17.36
C LEU A 137 -26.27 6.07 -18.58
N LEU A 138 -25.41 6.68 -19.41
CA LEU A 138 -24.84 5.95 -20.54
C LEU A 138 -24.03 4.75 -20.08
N GLY A 139 -23.51 4.78 -18.86
CA GLY A 139 -22.74 3.65 -18.36
C GLY A 139 -23.59 2.42 -18.12
N LEU A 140 -24.80 2.60 -17.56
CA LEU A 140 -25.70 1.46 -17.38
C LEU A 140 -25.94 0.72 -18.69
N VAL A 141 -25.99 1.43 -19.81
CA VAL A 141 -26.04 0.77 -21.11
C VAL A 141 -24.72 0.07 -21.39
N ALA A 142 -23.59 0.75 -21.12
CA ALA A 142 -22.29 0.13 -21.30
C ALA A 142 -22.06 -1.01 -20.33
N ILE A 143 -22.50 -0.86 -19.09
CA ILE A 143 -22.42 -1.96 -18.12
C ILE A 143 -23.25 -3.14 -18.60
N LEU A 144 -24.51 -2.88 -18.95
CA LEU A 144 -25.35 -3.94 -19.47
C LEU A 144 -24.89 -4.42 -20.84
N ARG A 145 -24.04 -3.65 -21.53
CA ARG A 145 -23.50 -4.13 -22.80
C ARG A 145 -22.29 -5.03 -22.58
N ASN A 146 -21.43 -4.68 -21.62
CA ASN A 146 -20.36 -5.57 -21.18
C ASN A 146 -20.81 -6.33 -19.92
N TRP A 147 -21.92 -7.08 -20.11
CA TRP A 147 -22.63 -7.65 -18.97
C TRP A 147 -21.78 -8.68 -18.23
N THR A 148 -21.24 -9.67 -18.95
CA THR A 148 -20.53 -10.75 -18.26
C THR A 148 -19.21 -10.25 -17.69
N PHE A 149 -18.52 -9.37 -18.43
CA PHE A 149 -17.32 -8.75 -17.92
C PHE A 149 -17.60 -7.93 -16.67
N ALA A 150 -18.81 -7.35 -16.57
CA ALA A 150 -19.20 -6.66 -15.35
C ALA A 150 -19.34 -7.64 -14.18
N ALA A 151 -19.93 -8.81 -14.45
CA ALA A 151 -20.08 -9.81 -13.39
C ALA A 151 -18.74 -10.35 -12.91
N PHE A 152 -17.69 -10.26 -13.74
CA PHE A 152 -16.38 -10.77 -13.34
C PHE A 152 -15.64 -9.77 -12.46
N TYR A 153 -15.66 -8.48 -12.83
CA TYR A 153 -14.95 -7.47 -12.07
C TYR A 153 -15.49 -7.37 -10.64
N VAL A 154 -16.81 -7.47 -10.49
CA VAL A 154 -17.39 -7.46 -9.14
C VAL A 154 -16.97 -8.69 -8.36
N LEU A 155 -17.09 -9.88 -8.97
CA LEU A 155 -16.74 -11.10 -8.27
C LEU A 155 -15.23 -11.25 -8.07
N ALA A 156 -14.42 -10.50 -8.82
CA ALA A 156 -12.99 -10.53 -8.60
C ALA A 156 -12.56 -9.54 -7.51
N GLU A 157 -13.11 -8.32 -7.54
CA GLU A 157 -12.89 -7.39 -6.44
C GLU A 157 -13.45 -7.90 -5.13
N LEU A 158 -14.64 -8.47 -5.14
CA LEU A 158 -15.27 -8.92 -3.90
C LEU A 158 -14.57 -10.12 -3.28
N TRP A 159 -13.87 -10.93 -4.07
CA TRP A 159 -13.28 -12.15 -3.54
C TRP A 159 -12.37 -11.86 -2.36
N GLY A 160 -11.42 -10.93 -2.52
CA GLY A 160 -10.55 -10.58 -1.41
C GLY A 160 -11.29 -9.98 -0.25
N SER A 161 -12.25 -9.10 -0.53
CA SER A 161 -13.06 -8.52 0.54
C SER A 161 -13.93 -9.58 1.21
N VAL A 162 -14.51 -10.50 0.43
CA VAL A 162 -15.37 -11.52 1.00
C VAL A 162 -14.54 -12.62 1.65
N MET A 163 -13.74 -13.34 0.86
CA MET A 163 -13.08 -14.55 1.34
C MET A 163 -12.03 -14.24 2.40
N LEU A 164 -11.14 -13.28 2.13
CA LEU A 164 -10.01 -13.04 3.02
C LEU A 164 -10.44 -12.30 4.27
N SER A 165 -11.11 -11.16 4.11
CA SER A 165 -11.40 -10.31 5.25
C SER A 165 -12.57 -10.84 6.06
N LEU A 166 -13.67 -11.22 5.41
CA LEU A 166 -14.86 -11.65 6.11
C LEU A 166 -14.84 -13.14 6.45
N MET A 167 -14.46 -13.98 5.49
CA MET A 167 -14.66 -15.42 5.63
C MET A 167 -13.52 -16.08 6.39
N PHE A 168 -12.28 -15.85 5.96
CA PHE A 168 -11.14 -16.46 6.65
C PHE A 168 -10.99 -15.89 8.06
N TRP A 169 -10.82 -14.58 8.16
CA TRP A 169 -10.61 -13.95 9.46
C TRP A 169 -11.80 -14.18 10.38
N GLY A 170 -13.02 -14.06 9.84
CA GLY A 170 -14.19 -14.38 10.63
C GLY A 170 -14.19 -15.81 11.13
N PHE A 171 -13.61 -16.73 10.36
CA PHE A 171 -13.41 -18.09 10.83
C PHE A 171 -12.29 -18.16 11.86
N ALA A 172 -11.18 -17.44 11.62
CA ALA A 172 -10.07 -17.46 12.56
C ALA A 172 -10.47 -16.83 13.89
N ASN A 173 -11.17 -15.70 13.85
CA ASN A 173 -11.60 -15.04 15.07
C ASN A 173 -12.63 -15.83 15.85
N GLU A 174 -13.29 -16.81 15.23
CA GLU A 174 -14.22 -17.68 15.93
C GLU A 174 -13.53 -18.86 16.59
N ILE A 175 -12.33 -19.22 16.13
CA ILE A 175 -11.67 -20.44 16.57
C ILE A 175 -10.29 -20.18 17.17
N THR A 176 -9.98 -18.93 17.52
CA THR A 176 -8.69 -18.59 18.08
C THR A 176 -8.87 -17.68 19.29
N LYS A 177 -8.23 -18.02 20.41
CA LYS A 177 -8.27 -17.19 21.59
C LYS A 177 -7.36 -15.97 21.41
N ILE A 178 -7.50 -15.00 22.32
CA ILE A 178 -6.76 -13.75 22.20
C ILE A 178 -5.26 -13.98 22.41
N HIS A 179 -4.91 -14.71 23.47
CA HIS A 179 -3.49 -15.00 23.73
C HIS A 179 -2.89 -15.83 22.61
N GLU A 180 -3.68 -16.73 22.03
CA GLU A 180 -3.24 -17.50 20.88
C GLU A 180 -3.23 -16.65 19.61
N ALA A 181 -4.12 -15.65 19.52
CA ALA A 181 -4.11 -14.74 18.38
C ALA A 181 -2.83 -13.91 18.36
N LYS A 182 -2.38 -13.44 19.53
CA LYS A 182 -1.16 -12.65 19.60
C LYS A 182 0.04 -13.40 19.03
N ARG A 183 0.00 -14.73 19.02
CA ARG A 183 1.09 -15.54 18.52
C ARG A 183 0.85 -16.05 17.10
N PHE A 184 -0.41 -16.17 16.67
CA PHE A 184 -0.69 -16.75 15.36
C PHE A 184 -1.00 -15.72 14.27
N TYR A 185 -1.74 -14.65 14.59
CA TYR A 185 -2.31 -13.82 13.53
C TYR A 185 -1.23 -13.12 12.70
N ALA A 186 -0.12 -12.74 13.33
CA ALA A 186 0.95 -12.10 12.57
C ALA A 186 1.51 -13.01 11.49
N LEU A 187 1.50 -14.32 11.73
CA LEU A 187 2.19 -15.26 10.86
C LEU A 187 1.46 -15.55 9.56
N PHE A 188 0.15 -15.32 9.50
CA PHE A 188 -0.67 -15.80 8.38
C PHE A 188 -0.38 -15.09 7.06
N GLY A 189 0.33 -13.96 7.06
CA GLY A 189 0.72 -13.33 5.81
C GLY A 189 1.90 -13.97 5.12
N ILE A 190 2.60 -14.88 5.81
CA ILE A 190 3.59 -15.70 5.12
C ILE A 190 2.89 -16.53 4.05
N GLY A 191 1.68 -16.99 4.35
CA GLY A 191 0.87 -17.60 3.31
C GLY A 191 0.59 -16.66 2.17
N ALA A 192 0.36 -15.37 2.47
CA ALA A 192 0.13 -14.39 1.42
C ALA A 192 1.36 -14.25 0.52
N ASN A 193 2.55 -14.21 1.12
CA ASN A 193 3.78 -14.06 0.33
C ASN A 193 4.07 -15.32 -0.50
N ILE A 194 3.88 -16.50 0.09
CA ILE A 194 4.10 -17.74 -0.67
C ILE A 194 3.10 -17.85 -1.80
N SER A 195 1.84 -17.49 -1.55
CA SER A 195 0.84 -17.44 -2.61
C SER A 195 1.18 -16.38 -3.64
N LEU A 196 1.87 -15.31 -3.23
CA LEU A 196 2.32 -14.32 -4.19
C LEU A 196 3.35 -14.92 -5.14
N LEU A 197 4.27 -15.73 -4.61
CA LEU A 197 5.21 -16.45 -5.49
C LEU A 197 4.45 -17.41 -6.42
N ALA A 198 3.49 -18.16 -5.86
CA ALA A 198 2.74 -19.11 -6.67
C ALA A 198 1.98 -18.41 -7.78
N SER A 199 1.33 -17.28 -7.47
CA SER A 199 0.63 -16.50 -8.48
C SER A 199 1.60 -15.86 -9.46
N GLY A 200 2.79 -15.47 -9.01
CA GLY A 200 3.79 -14.96 -9.92
C GLY A 200 4.19 -15.96 -10.97
N ARG A 201 4.27 -17.24 -10.59
CA ARG A 201 4.50 -18.27 -11.62
C ARG A 201 3.24 -18.53 -12.46
N ALA A 202 2.07 -18.57 -11.82
CA ALA A 202 0.85 -18.97 -12.53
C ALA A 202 0.44 -17.94 -13.58
N ILE A 203 0.44 -16.66 -13.22
CA ILE A 203 -0.03 -15.62 -14.11
C ILE A 203 0.91 -15.48 -15.30
N VAL A 204 2.22 -15.60 -15.07
CA VAL A 204 3.15 -15.54 -16.19
C VAL A 204 3.02 -16.78 -17.06
N TRP A 205 2.70 -17.94 -16.47
CA TRP A 205 2.44 -19.12 -17.30
C TRP A 205 1.24 -18.89 -18.21
N ALA A 206 0.18 -18.29 -17.67
CA ALA A 206 -0.99 -17.98 -18.49
C ALA A 206 -0.64 -17.00 -19.61
N SER A 207 0.11 -15.95 -19.26
CA SER A 207 0.49 -14.95 -20.26
C SER A 207 1.38 -15.56 -21.35
N LYS A 208 2.26 -16.49 -20.97
CA LYS A 208 3.09 -17.18 -21.96
C LYS A 208 2.24 -18.05 -22.87
N LEU A 209 1.30 -18.81 -22.30
CA LEU A 209 0.45 -19.66 -23.12
C LEU A 209 -0.48 -18.84 -24.01
N ARG A 210 -0.70 -17.58 -23.68
CA ARG A 210 -1.44 -16.68 -24.57
C ARG A 210 -0.54 -16.38 -25.77
N ALA A 211 -0.46 -17.35 -26.68
CA ALA A 211 0.45 -17.26 -27.81
C ALA A 211 -0.23 -17.60 -29.14
N SER A 212 -1.30 -18.38 -29.10
CA SER A 212 -1.98 -18.80 -30.33
C SER A 212 -2.65 -17.62 -30.99
N VAL A 213 -2.27 -17.34 -32.24
CA VAL A 213 -2.78 -16.16 -32.95
C VAL A 213 -3.57 -16.55 -34.20
N SER A 214 -3.17 -17.64 -34.85
CA SER A 214 -3.73 -18.00 -36.16
C SER A 214 -4.57 -19.26 -36.11
N GLU A 215 -3.99 -20.40 -35.70
CA GLU A 215 -4.77 -21.62 -35.59
C GLU A 215 -5.75 -21.53 -34.43
N GLY A 216 -5.34 -20.93 -33.32
CA GLY A 216 -6.26 -20.56 -32.27
C GLY A 216 -6.48 -19.06 -32.25
N VAL A 217 -7.62 -18.62 -32.79
CA VAL A 217 -7.86 -17.19 -32.88
C VAL A 217 -8.27 -16.61 -31.53
N ASP A 218 -8.89 -17.40 -30.67
CA ASP A 218 -9.28 -16.92 -29.35
C ASP A 218 -8.08 -16.90 -28.41
N PRO A 219 -7.67 -15.70 -27.96
CA PRO A 219 -6.50 -15.63 -27.07
C PRO A 219 -6.85 -15.94 -25.63
N TRP A 220 -8.06 -15.57 -25.21
CA TRP A 220 -8.49 -15.71 -23.83
C TRP A 220 -9.37 -16.93 -23.60
N GLY A 221 -9.30 -17.92 -24.49
CA GLY A 221 -10.01 -19.15 -24.25
C GLY A 221 -9.24 -20.09 -23.32
N ILE A 222 -8.10 -20.59 -23.81
CA ILE A 222 -7.36 -21.61 -23.08
C ILE A 222 -6.72 -21.04 -21.82
N SER A 223 -6.10 -19.86 -21.95
CA SER A 223 -5.46 -19.24 -20.79
C SER A 223 -6.47 -18.96 -19.68
N LEU A 224 -7.63 -18.42 -20.05
CA LEU A 224 -8.65 -18.14 -19.05
C LEU A 224 -9.18 -19.44 -18.46
N ARG A 225 -9.41 -20.48 -19.29
CA ARG A 225 -9.92 -21.72 -18.72
C ARG A 225 -8.93 -22.32 -17.74
N LEU A 226 -7.63 -22.26 -18.03
CA LEU A 226 -6.65 -22.82 -17.13
C LEU A 226 -6.48 -21.98 -15.85
N LEU A 227 -6.46 -20.65 -15.97
CA LEU A 227 -6.43 -19.82 -14.78
C LEU A 227 -7.64 -20.08 -13.90
N MET A 228 -8.81 -20.24 -14.52
CA MET A 228 -10.03 -20.35 -13.75
C MET A 228 -10.14 -21.74 -13.11
N ALA A 229 -9.69 -22.77 -13.82
CA ALA A 229 -9.58 -24.10 -13.20
C ALA A 229 -8.56 -24.12 -12.07
N MET A 230 -7.47 -23.37 -12.21
CA MET A 230 -6.51 -23.25 -11.12
C MET A 230 -7.14 -22.60 -9.89
N THR A 231 -7.92 -21.54 -10.11
CA THR A 231 -8.64 -20.93 -9.00
C THR A 231 -9.66 -21.90 -8.39
N ILE A 232 -10.31 -22.71 -9.23
CA ILE A 232 -11.25 -23.71 -8.71
C ILE A 232 -10.53 -24.75 -7.86
N VAL A 233 -9.37 -25.22 -8.33
CA VAL A 233 -8.60 -26.20 -7.55
C VAL A 233 -8.17 -25.59 -6.22
N SER A 234 -7.70 -24.34 -6.25
CA SER A 234 -7.29 -23.68 -5.02
C SER A 234 -8.48 -23.48 -4.07
N GLY A 235 -9.64 -23.13 -4.61
CA GLY A 235 -10.83 -22.98 -3.78
C GLY A 235 -11.33 -24.30 -3.20
N LEU A 236 -11.23 -25.38 -3.97
CA LEU A 236 -11.59 -26.69 -3.42
C LEU A 236 -10.60 -27.15 -2.36
N VAL A 237 -9.32 -26.84 -2.52
CA VAL A 237 -8.36 -27.10 -1.46
C VAL A 237 -8.68 -26.24 -0.24
N LEU A 238 -9.12 -25.00 -0.47
CA LEU A 238 -9.60 -24.14 0.60
C LEU A 238 -10.73 -24.80 1.38
N MET A 239 -11.75 -25.28 0.65
CA MET A 239 -12.90 -25.92 1.29
C MET A 239 -12.51 -27.21 1.99
N ALA A 240 -11.59 -27.97 1.41
CA ALA A 240 -11.10 -29.18 2.08
C ALA A 240 -10.34 -28.84 3.35
N SER A 241 -9.57 -27.75 3.33
CA SER A 241 -8.90 -27.28 4.54
C SER A 241 -9.91 -26.89 5.61
N TYR A 242 -10.96 -26.18 5.19
CA TYR A 242 -12.04 -25.83 6.13
C TYR A 242 -12.70 -27.06 6.71
N TRP A 243 -12.97 -28.06 5.87
CA TRP A 243 -13.59 -29.29 6.34
C TRP A 243 -12.68 -30.04 7.29
N TRP A 244 -11.38 -30.11 6.96
CA TRP A 244 -10.44 -30.85 7.81
C TRP A 244 -10.29 -30.17 9.16
N ILE A 245 -10.15 -28.85 9.16
CA ILE A 245 -10.00 -28.07 10.38
C ILE A 245 -11.30 -28.02 11.18
N ASN A 246 -12.44 -28.31 10.57
CA ASN A 246 -13.68 -28.39 11.33
C ASN A 246 -13.98 -29.80 11.80
N LYS A 247 -13.42 -30.81 11.14
CA LYS A 247 -13.69 -32.20 11.49
C LYS A 247 -12.71 -32.76 12.51
N ASN A 248 -11.42 -32.43 12.41
CA ASN A 248 -10.45 -33.03 13.32
C ASN A 248 -9.51 -31.98 13.92
N VAL A 249 -9.89 -30.71 13.84
CA VAL A 249 -9.24 -29.65 14.61
C VAL A 249 -10.14 -29.16 15.74
N LEU A 250 -11.28 -28.54 15.40
CA LEU A 250 -12.23 -28.20 16.46
C LEU A 250 -12.77 -29.41 17.21
N THR A 251 -12.36 -30.63 16.87
CA THR A 251 -12.74 -31.81 17.62
C THR A 251 -11.61 -32.42 18.45
N ASP A 252 -10.37 -31.98 18.27
CA ASP A 252 -9.28 -32.46 19.10
C ASP A 252 -9.43 -31.94 20.53
N PRO A 253 -9.36 -32.81 21.54
CA PRO A 253 -9.49 -32.36 22.94
C PRO A 253 -8.28 -31.60 23.50
N ARG A 254 -7.15 -31.58 22.79
CA ARG A 254 -5.99 -30.84 23.28
C ARG A 254 -6.34 -29.37 23.48
N PHE A 255 -6.99 -28.83 22.42
CA PHE A 255 -7.48 -27.45 22.43
C PHE A 255 -9.00 -27.47 22.40
N TYR A 256 -9.67 -26.44 22.93
CA TYR A 256 -11.10 -26.43 22.98
C TYR A 256 -11.45 -27.49 24.06
N ASN A 257 -11.01 -27.32 25.31
CA ASN A 257 -11.19 -28.28 26.39
C ASN A 257 -12.57 -28.93 26.34
N PRO A 258 -12.66 -30.23 26.68
CA PRO A 258 -13.80 -31.07 26.24
C PRO A 258 -15.20 -30.45 26.29
N GLU A 259 -15.61 -29.95 27.46
CA GLU A 259 -17.00 -29.52 27.59
C GLU A 259 -17.30 -28.24 26.83
N GLU A 260 -16.29 -27.43 26.51
CA GLU A 260 -16.50 -26.22 25.72
C GLU A 260 -16.72 -26.53 24.25
N MET A 261 -16.42 -27.76 23.82
CA MET A 261 -16.66 -28.19 22.44
C MET A 261 -18.14 -28.12 22.08
N GLN A 262 -18.97 -28.89 22.79
CA GLN A 262 -20.40 -28.90 22.51
C GLN A 262 -21.07 -27.58 22.86
N LYS A 263 -20.35 -26.65 23.49
CA LYS A 263 -20.82 -25.28 23.61
C LYS A 263 -20.77 -24.53 22.29
N GLY A 264 -20.17 -25.12 21.24
CA GLY A 264 -20.12 -24.46 19.95
C GLY A 264 -20.80 -25.16 18.78
N LYS A 265 -20.76 -26.48 18.79
CA LYS A 265 -21.50 -27.20 17.79
C LYS A 265 -22.95 -27.03 18.27
N LYS A 266 -23.08 -26.84 19.58
CA LYS A 266 -24.26 -26.26 20.19
C LYS A 266 -23.82 -24.93 20.73
N GLY A 267 -23.86 -23.89 19.91
CA GLY A 267 -23.38 -22.58 20.26
C GLY A 267 -24.19 -21.41 19.75
N ALA A 268 -23.69 -20.20 20.03
CA ALA A 268 -24.38 -18.98 19.64
C ALA A 268 -24.35 -18.81 18.12
N LYS A 269 -25.17 -17.88 17.65
CA LYS A 269 -25.34 -17.61 16.22
C LYS A 269 -26.02 -16.27 16.07
N PRO A 270 -25.74 -15.52 15.00
CA PRO A 270 -26.49 -14.28 14.76
C PRO A 270 -28.00 -14.49 14.78
N LYS A 271 -28.69 -13.85 15.72
CA LYS A 271 -30.14 -13.96 15.87
C LYS A 271 -30.74 -12.56 15.98
N MET A 272 -31.00 -11.95 14.84
CA MET A 272 -31.69 -10.66 14.78
C MET A 272 -32.35 -10.53 13.41
N ASN A 273 -32.82 -9.32 13.11
CA ASN A 273 -33.44 -9.00 11.84
C ASN A 273 -32.60 -7.94 11.13
N MET A 274 -32.83 -7.82 9.83
CA MET A 274 -31.95 -7.02 8.96
C MET A 274 -31.84 -5.58 9.45
N LYS A 275 -32.99 -4.91 9.66
CA LYS A 275 -32.94 -3.56 10.19
C LYS A 275 -32.61 -3.54 11.68
N ASP A 276 -33.05 -4.57 12.41
CA ASP A 276 -32.69 -4.67 13.83
C ASP A 276 -31.18 -4.82 14.00
N SER A 277 -30.56 -5.66 13.18
CA SER A 277 -29.13 -5.87 13.28
C SER A 277 -28.36 -4.63 12.82
N PHE A 278 -28.83 -3.98 11.76
CA PHE A 278 -28.10 -2.85 11.21
C PHE A 278 -28.53 -1.53 11.81
N LEU A 279 -29.23 -1.61 12.94
CA LEU A 279 -29.42 -0.49 13.83
C LEU A 279 -28.69 -0.68 15.16
N TYR A 280 -28.41 -1.92 15.56
CA TYR A 280 -27.54 -2.18 16.70
C TYR A 280 -26.08 -1.99 16.34
N LEU A 281 -25.69 -2.33 15.11
CA LEU A 281 -24.30 -2.11 14.67
C LEU A 281 -24.01 -0.63 14.46
N ALA A 282 -24.97 0.11 13.90
CA ALA A 282 -24.79 1.53 13.65
C ALA A 282 -24.76 2.36 14.92
N ARG A 283 -25.21 1.81 16.05
CA ARG A 283 -25.18 2.52 17.33
C ARG A 283 -24.34 1.76 18.35
N SER A 284 -23.20 1.24 17.90
CA SER A 284 -22.20 0.67 18.79
C SER A 284 -20.90 1.43 18.58
N PRO A 285 -20.34 2.08 19.60
CA PRO A 285 -19.07 2.79 19.42
C PRO A 285 -17.95 1.87 18.98
N TYR A 286 -18.02 0.57 19.24
CA TYR A 286 -16.95 -0.41 18.86
C TYR A 286 -16.89 -0.62 17.44
N ILE A 287 -18.01 -0.82 16.81
CA ILE A 287 -17.97 -1.15 15.39
C ILE A 287 -17.61 0.07 14.55
N LEU A 288 -18.14 1.23 14.91
CA LEU A 288 -17.81 2.44 14.17
C LEU A 288 -16.33 2.80 14.30
N LEU A 289 -15.69 2.40 15.39
CA LEU A 289 -14.25 2.59 15.52
C LEU A 289 -13.49 1.64 14.59
N LEU A 290 -13.92 0.38 14.53
CA LEU A 290 -13.34 -0.56 13.57
C LEU A 290 -13.57 -0.09 12.14
N ALA A 291 -14.77 0.43 11.86
CA ALA A 291 -15.01 1.02 10.55
C ALA A 291 -14.08 2.18 10.29
N LEU A 292 -13.82 3.01 11.31
CA LEU A 292 -12.91 4.14 11.13
C LEU A 292 -11.48 3.67 10.87
N LEU A 293 -11.02 2.65 11.59
CA LEU A 293 -9.67 2.12 11.36
C LEU A 293 -9.52 1.65 9.92
N VAL A 294 -10.51 0.90 9.42
CA VAL A 294 -10.44 0.36 8.08
C VAL A 294 -10.55 1.48 7.05
N ILE A 295 -11.46 2.44 7.27
CA ILE A 295 -11.57 3.58 6.38
C ILE A 295 -10.30 4.42 6.44
N ALA A 296 -9.79 4.69 7.65
CA ALA A 296 -8.58 5.50 7.77
C ALA A 296 -7.38 4.79 7.14
N TYR A 297 -7.25 3.48 7.40
CA TYR A 297 -6.17 2.72 6.79
C TYR A 297 -6.32 2.67 5.27
N GLY A 298 -7.55 2.54 4.78
CA GLY A 298 -7.77 2.49 3.34
C GLY A 298 -7.34 3.77 2.64
N ILE A 299 -7.64 4.92 3.23
CA ILE A 299 -7.31 6.18 2.58
C ILE A 299 -5.85 6.53 2.79
N CYS A 300 -5.35 6.41 4.02
CA CYS A 300 -3.96 6.76 4.31
C CYS A 300 -2.99 5.96 3.45
N ILE A 301 -3.14 4.63 3.47
CA ILE A 301 -2.22 3.78 2.70
C ILE A 301 -2.34 4.09 1.22
N ASN A 302 -3.53 4.44 0.74
CA ASN A 302 -3.67 4.86 -0.65
C ASN A 302 -3.13 6.27 -0.87
N LEU A 303 -3.31 7.17 0.10
CA LEU A 303 -2.82 8.53 -0.08
C LEU A 303 -1.30 8.61 0.07
N ILE A 304 -0.73 7.94 1.07
CA ILE A 304 0.72 7.91 1.21
C ILE A 304 1.39 7.11 0.11
N GLU A 305 0.62 6.42 -0.72
CA GLU A 305 1.18 5.69 -1.85
C GLU A 305 1.05 6.43 -3.17
N VAL A 306 0.01 7.26 -3.33
CA VAL A 306 -0.07 8.08 -4.53
C VAL A 306 0.80 9.33 -4.40
N THR A 307 0.92 9.87 -3.18
CA THR A 307 1.89 10.94 -2.96
C THR A 307 3.31 10.43 -3.16
N TRP A 308 3.61 9.21 -2.68
CA TRP A 308 4.93 8.66 -2.86
C TRP A 308 5.17 8.19 -4.30
N LYS A 309 4.19 7.50 -4.90
CA LYS A 309 4.35 7.12 -6.31
C LYS A 309 3.92 8.27 -7.19
N SER A 310 4.41 9.45 -6.87
CA SER A 310 4.49 10.65 -7.69
C SER A 310 5.89 11.23 -7.64
N GLN A 311 6.57 11.11 -6.50
CA GLN A 311 8.00 11.42 -6.43
C GLN A 311 8.82 10.31 -7.08
N LEU A 312 8.39 9.06 -6.91
CA LEU A 312 9.03 7.94 -7.60
C LEU A 312 8.93 8.07 -9.11
N LYS A 313 7.95 8.82 -9.61
CA LYS A 313 7.85 9.08 -11.04
C LYS A 313 8.69 10.28 -11.46
N LEU A 314 8.84 11.28 -10.58
CA LEU A 314 9.74 12.39 -10.87
C LEU A 314 11.20 11.99 -10.75
N GLN A 315 11.53 11.09 -9.82
CA GLN A 315 12.91 10.63 -9.68
C GLN A 315 13.28 9.62 -10.76
N TYR A 316 12.31 8.82 -11.22
CA TYR A 316 12.56 7.76 -12.20
C TYR A 316 11.59 7.94 -13.36
N PRO A 317 11.88 8.87 -14.29
CA PRO A 317 11.01 9.10 -15.45
C PRO A 317 11.30 8.16 -16.62
N ASN A 318 11.42 6.87 -16.31
CA ASN A 318 11.58 5.84 -17.33
C ASN A 318 11.20 4.51 -16.69
N MET A 319 10.22 3.82 -17.28
CA MET A 319 9.61 2.67 -16.61
C MET A 319 10.58 1.53 -16.36
N ASN A 320 11.70 1.48 -17.09
CA ASN A 320 12.63 0.36 -16.92
C ASN A 320 13.24 0.33 -15.52
N ASP A 321 13.65 1.49 -15.00
CA ASP A 321 14.19 1.53 -13.64
C ASP A 321 13.12 1.72 -12.58
N TYR A 322 11.98 2.31 -12.96
CA TYR A 322 10.82 2.29 -12.07
C TYR A 322 10.38 0.86 -11.81
N SER A 323 10.38 0.03 -12.86
CA SER A 323 10.13 -1.40 -12.67
C SER A 323 11.25 -2.07 -11.90
N GLU A 324 12.48 -1.54 -12.00
CA GLU A 324 13.59 -2.11 -11.24
C GLU A 324 13.50 -1.75 -9.77
N PHE A 325 13.16 -0.50 -9.46
CA PHE A 325 12.95 -0.11 -8.06
C PHE A 325 11.73 -0.81 -7.48
N MET A 326 10.60 -0.77 -8.18
CA MET A 326 9.42 -1.47 -7.72
C MET A 326 9.54 -2.98 -7.87
N GLY A 327 10.57 -3.46 -8.56
CA GLY A 327 10.87 -4.88 -8.58
C GLY A 327 11.68 -5.28 -7.38
N ASN A 328 12.51 -4.36 -6.88
CA ASN A 328 13.29 -4.59 -5.67
C ASN A 328 12.49 -4.20 -4.42
N PHE A 329 11.70 -3.13 -4.51
CA PHE A 329 10.81 -2.80 -3.39
C PHE A 329 9.79 -3.91 -3.15
N SER A 330 9.22 -4.45 -4.22
CA SER A 330 8.29 -5.57 -4.09
C SER A 330 8.99 -6.85 -3.62
N PHE A 331 10.32 -6.93 -3.74
CA PHE A 331 11.06 -8.08 -3.25
C PHE A 331 11.44 -7.93 -1.78
N TRP A 332 11.76 -6.72 -1.32
CA TRP A 332 12.10 -6.51 0.08
C TRP A 332 10.88 -6.29 0.96
N THR A 333 9.77 -5.84 0.39
CA THR A 333 8.54 -5.83 1.19
C THR A 333 8.05 -7.24 1.48
N GLY A 334 8.63 -8.24 0.83
CA GLY A 334 8.37 -9.63 1.17
C GLY A 334 9.36 -10.13 2.21
N VAL A 335 10.62 -9.70 2.13
CA VAL A 335 11.60 -10.10 3.12
C VAL A 335 11.33 -9.41 4.45
N VAL A 336 11.10 -8.09 4.43
CA VAL A 336 10.75 -7.38 5.65
C VAL A 336 9.44 -7.91 6.20
N SER A 337 8.46 -8.16 5.34
CA SER A 337 7.23 -8.83 5.78
C SER A 337 7.34 -10.34 5.69
N VAL A 338 8.45 -10.92 6.14
CA VAL A 338 8.47 -12.29 6.63
C VAL A 338 9.14 -12.25 8.00
N LEU A 339 10.04 -11.29 8.20
CA LEU A 339 10.68 -11.12 9.50
C LEU A 339 9.77 -10.40 10.49
N ILE A 340 9.07 -9.36 10.03
CA ILE A 340 8.15 -8.65 10.91
C ILE A 340 7.03 -9.57 11.35
N MET A 341 6.61 -10.46 10.47
CA MET A 341 5.55 -11.41 10.78
C MET A 341 6.02 -12.49 11.77
N LEU A 342 7.20 -13.06 11.51
CA LEU A 342 7.76 -14.07 12.41
C LEU A 342 8.25 -13.46 13.73
N PHE A 343 8.86 -12.29 13.68
CA PHE A 343 9.62 -11.77 14.82
C PHE A 343 9.03 -10.50 15.41
N VAL A 344 8.72 -9.50 14.59
CA VAL A 344 8.32 -8.21 15.12
C VAL A 344 6.87 -8.23 15.58
N GLY A 345 5.95 -8.62 14.69
CA GLY A 345 4.53 -8.49 14.94
C GLY A 345 4.01 -9.18 16.19
N GLY A 346 4.35 -10.46 16.35
CA GLY A 346 3.89 -11.19 17.53
C GLY A 346 4.56 -10.77 18.82
N ASN A 347 5.76 -10.19 18.73
CA ASN A 347 6.47 -9.78 19.93
C ASN A 347 6.00 -8.42 20.43
N VAL A 348 5.74 -7.48 19.53
CA VAL A 348 5.25 -6.16 19.93
C VAL A 348 3.90 -6.30 20.64
N ILE A 349 3.02 -7.17 20.12
CA ILE A 349 1.70 -7.33 20.70
C ILE A 349 1.73 -8.07 22.03
N ARG A 350 2.78 -8.85 22.30
CA ARG A 350 2.84 -9.64 23.52
C ARG A 350 3.63 -9.00 24.65
N LYS A 351 4.70 -8.25 24.35
CA LYS A 351 5.48 -7.62 25.41
C LYS A 351 5.02 -6.21 25.73
N PHE A 352 4.30 -5.55 24.83
CA PHE A 352 3.82 -4.19 25.05
C PHE A 352 2.31 -4.12 25.25
N GLY A 353 1.54 -4.73 24.34
CA GLY A 353 0.09 -4.75 24.47
C GLY A 353 -0.62 -4.58 23.15
N TRP A 354 -1.95 -4.60 23.17
CA TRP A 354 -2.73 -4.41 21.95
C TRP A 354 -2.50 -3.02 21.37
N LEU A 355 -2.49 -2.00 22.22
CA LEU A 355 -2.47 -0.62 21.74
C LEU A 355 -1.22 -0.32 20.92
N THR A 356 -0.06 -0.80 21.37
CA THR A 356 1.18 -0.54 20.66
C THR A 356 1.15 -1.14 19.26
N GLY A 357 0.64 -2.37 19.12
CA GLY A 357 0.56 -2.99 17.81
C GLY A 357 -0.30 -2.19 16.84
N ALA A 358 -1.37 -1.59 17.34
CA ALA A 358 -2.25 -0.79 16.50
C ALA A 358 -1.72 0.62 16.27
N LEU A 359 -0.76 1.09 17.06
CA LEU A 359 -0.20 2.42 16.88
C LEU A 359 1.20 2.44 16.28
N VAL A 360 1.80 1.27 16.00
CA VAL A 360 3.09 1.30 15.32
C VAL A 360 2.96 1.86 13.92
N THR A 361 2.03 1.31 13.14
CA THR A 361 1.97 1.73 11.74
C THR A 361 1.40 3.14 11.52
N PRO A 362 0.43 3.64 12.30
CA PRO A 362 0.03 5.03 12.08
C PRO A 362 1.06 6.04 12.56
N VAL A 363 1.71 5.76 13.70
CA VAL A 363 2.76 6.66 14.17
C VAL A 363 3.92 6.69 13.20
N MET A 364 4.32 5.53 12.68
CA MET A 364 5.37 5.53 11.66
C MET A 364 4.93 6.31 10.44
N VAL A 365 3.78 5.97 9.85
CA VAL A 365 3.27 6.72 8.70
C VAL A 365 3.16 8.21 9.03
N LEU A 366 2.90 8.54 10.30
CA LEU A 366 2.89 9.93 10.71
C LEU A 366 4.31 10.52 10.72
N LEU A 367 5.21 9.91 11.50
CA LEU A 367 6.54 10.47 11.68
C LEU A 367 7.33 10.50 10.37
N THR A 368 7.33 9.39 9.63
CA THR A 368 8.04 9.35 8.36
C THR A 368 7.19 9.88 7.22
N GLY A 369 5.95 10.30 7.50
CA GLY A 369 5.16 11.06 6.54
C GLY A 369 5.35 12.55 6.75
N ILE A 370 5.53 12.97 8.00
CA ILE A 370 5.92 14.34 8.29
C ILE A 370 7.25 14.64 7.61
N VAL A 371 8.20 13.71 7.69
CA VAL A 371 9.47 13.89 7.01
C VAL A 371 9.26 13.92 5.50
N PHE A 372 8.41 13.04 4.98
CA PHE A 372 8.17 12.99 3.53
C PHE A 372 7.56 14.29 3.03
N PHE A 373 6.51 14.78 3.70
CA PHE A 373 5.84 15.99 3.24
C PHE A 373 6.70 17.23 3.47
N ALA A 374 7.55 17.21 4.50
CA ALA A 374 8.47 18.32 4.71
C ALA A 374 9.58 18.37 3.66
N LEU A 375 9.83 17.27 2.95
CA LEU A 375 10.79 17.26 1.85
C LEU A 375 10.12 17.42 0.49
N VAL A 376 8.79 17.46 0.43
CA VAL A 376 8.07 17.69 -0.81
C VAL A 376 7.46 19.09 -0.85
N ILE A 377 6.84 19.52 0.25
CA ILE A 377 6.36 20.89 0.34
C ILE A 377 7.53 21.86 0.43
N PHE A 378 8.45 21.62 1.34
CA PHE A 378 9.65 22.45 1.49
C PHE A 378 10.81 21.87 0.69
N ARG A 379 10.57 21.59 -0.59
CA ARG A 379 11.61 21.01 -1.42
C ARG A 379 12.68 22.05 -1.78
N ASN A 380 12.24 23.28 -2.07
CA ASN A 380 13.19 24.31 -2.49
C ASN A 380 14.07 24.75 -1.32
N GLN A 381 13.47 25.02 -0.17
CA GLN A 381 14.25 25.39 1.01
C GLN A 381 14.60 24.16 1.85
N ALA A 382 15.06 23.11 1.17
CA ALA A 382 15.72 21.99 1.81
C ALA A 382 16.93 21.49 1.04
N SER A 383 17.09 21.87 -0.23
CA SER A 383 18.28 21.48 -0.99
C SER A 383 19.38 22.52 -0.83
N GLY A 384 19.64 22.88 0.42
CA GLY A 384 20.83 23.62 0.79
C GLY A 384 21.51 22.87 1.91
N LEU A 385 20.70 22.11 2.65
CA LEU A 385 21.18 21.22 3.70
C LEU A 385 21.28 19.79 3.20
N VAL A 386 20.20 19.29 2.59
CA VAL A 386 20.21 17.94 2.03
C VAL A 386 21.23 17.82 0.91
N ALA A 387 21.41 18.90 0.13
CA ALA A 387 22.41 18.91 -0.93
C ALA A 387 23.83 18.82 -0.41
N MET A 388 24.08 19.26 0.83
CA MET A 388 25.40 19.12 1.44
C MET A 388 25.55 17.80 2.19
N PHE A 389 24.62 16.87 1.99
CA PHE A 389 24.75 15.51 2.50
C PHE A 389 24.87 14.47 1.38
N GLY A 390 24.91 14.90 0.12
CA GLY A 390 25.08 13.98 -0.99
C GLY A 390 23.81 13.41 -1.57
N THR A 391 22.69 14.13 -1.48
CA THR A 391 21.44 13.65 -2.03
C THR A 391 20.51 14.83 -2.25
N THR A 392 19.52 14.62 -3.12
CA THR A 392 18.50 15.63 -3.36
C THR A 392 17.27 15.34 -2.50
N PRO A 393 16.50 16.36 -2.13
CA PRO A 393 15.28 16.11 -1.34
C PRO A 393 14.26 15.25 -2.07
N LEU A 394 14.33 15.15 -3.40
CA LEU A 394 13.46 14.23 -4.12
C LEU A 394 13.84 12.77 -3.85
N MET A 395 15.14 12.44 -3.97
CA MET A 395 15.60 11.11 -3.58
C MET A 395 15.39 10.85 -2.10
N LEU A 396 15.55 11.88 -1.26
CA LEU A 396 15.35 11.70 0.17
C LEU A 396 13.89 11.42 0.50
N ALA A 397 12.95 12.03 -0.23
CA ALA A 397 11.55 11.71 -0.06
C ALA A 397 11.20 10.35 -0.66
N VAL A 398 11.91 9.94 -1.70
CA VAL A 398 11.72 8.60 -2.26
C VAL A 398 12.07 7.53 -1.23
N VAL A 399 13.22 7.69 -0.57
CA VAL A 399 13.67 6.70 0.40
C VAL A 399 12.79 6.74 1.65
N VAL A 400 12.56 7.94 2.19
CA VAL A 400 11.71 8.07 3.37
C VAL A 400 10.28 7.62 3.08
N GLY A 401 9.77 7.96 1.88
CA GLY A 401 8.47 7.45 1.49
C GLY A 401 8.46 5.96 1.20
N ALA A 402 9.60 5.38 0.84
CA ALA A 402 9.67 3.93 0.69
C ALA A 402 9.60 3.25 2.06
N ILE A 403 10.21 3.85 3.08
CA ILE A 403 10.16 3.27 4.42
C ILE A 403 8.73 3.24 4.93
N GLN A 404 7.97 4.31 4.71
CA GLN A 404 6.57 4.32 5.10
C GLN A 404 5.71 3.41 4.24
N ASN A 405 6.16 3.08 3.03
CA ASN A 405 5.48 2.11 2.19
C ASN A 405 6.05 0.70 2.36
N ILE A 406 7.16 0.54 3.07
CA ILE A 406 7.67 -0.77 3.43
C ILE A 406 7.49 -1.07 4.92
N LEU A 407 7.10 -0.08 5.73
CA LEU A 407 6.70 -0.32 7.10
C LEU A 407 5.20 -0.17 7.30
N SER A 408 4.43 -0.01 6.23
CA SER A 408 2.99 -0.11 6.26
C SER A 408 2.46 -1.31 5.47
N LYS A 409 3.11 -1.63 4.35
CA LYS A 409 2.77 -2.84 3.62
C LYS A 409 3.33 -4.09 4.30
N SER A 410 4.48 -3.96 4.97
CA SER A 410 5.04 -5.06 5.76
C SER A 410 4.48 -5.08 7.18
N THR A 411 3.62 -4.13 7.53
CA THR A 411 2.97 -4.08 8.82
C THR A 411 1.49 -4.42 8.73
N LYS A 412 0.94 -4.46 7.53
CA LYS A 412 -0.49 -4.72 7.34
C LYS A 412 -0.90 -6.05 7.98
N TYR A 413 -0.36 -7.15 7.47
CA TYR A 413 -0.72 -8.47 8.00
C TYR A 413 -0.15 -8.69 9.39
N ALA A 414 0.98 -8.07 9.70
CA ALA A 414 1.72 -8.38 10.93
C ALA A 414 1.17 -7.67 12.15
N LEU A 415 0.88 -6.38 12.05
CA LEU A 415 0.42 -5.61 13.20
C LEU A 415 -0.97 -5.00 13.03
N PHE A 416 -1.31 -4.53 11.83
CA PHE A 416 -2.63 -3.93 11.64
C PHE A 416 -3.71 -5.01 11.52
N ASP A 417 -3.58 -5.89 10.53
CA ASP A 417 -4.56 -6.97 10.38
C ASP A 417 -4.52 -7.96 11.53
N SER A 418 -3.38 -8.08 12.22
CA SER A 418 -3.40 -8.89 13.43
C SER A 418 -4.22 -8.24 14.52
N THR A 419 -3.83 -7.03 14.95
CA THR A 419 -4.52 -6.37 16.06
C THR A 419 -5.98 -6.10 15.74
N LYS A 420 -6.31 -5.79 14.48
CA LYS A 420 -7.70 -5.47 14.14
C LYS A 420 -8.57 -6.72 14.20
N GLU A 421 -8.16 -7.80 13.54
CA GLU A 421 -8.95 -9.03 13.57
C GLU A 421 -8.84 -9.74 14.92
N MET A 422 -7.83 -9.42 15.72
CA MET A 422 -7.90 -9.79 17.14
C MET A 422 -9.00 -9.04 17.87
N ALA A 423 -9.33 -7.83 17.43
CA ALA A 423 -10.32 -7.04 18.14
C ALA A 423 -11.70 -7.67 18.09
N TYR A 424 -12.01 -8.46 17.06
CA TYR A 424 -13.33 -9.08 16.97
C TYR A 424 -13.51 -10.22 17.97
N ILE A 425 -12.41 -10.76 18.52
CA ILE A 425 -12.50 -12.00 19.29
C ILE A 425 -13.39 -11.87 20.52
N PRO A 426 -13.26 -10.85 21.37
CA PRO A 426 -14.12 -10.77 22.56
C PRO A 426 -15.54 -10.31 22.31
N LEU A 427 -16.00 -10.31 21.06
CA LEU A 427 -17.30 -9.77 20.69
C LEU A 427 -18.38 -10.84 20.74
N ASP A 428 -19.63 -10.38 20.81
CA ASP A 428 -20.77 -11.24 20.57
C ASP A 428 -20.94 -11.47 19.07
N GLN A 429 -21.79 -12.43 18.73
CA GLN A 429 -21.83 -12.95 17.36
C GLN A 429 -22.34 -11.91 16.35
N GLU A 430 -23.22 -11.01 16.78
CA GLU A 430 -23.86 -10.10 15.84
C GLU A 430 -22.89 -9.10 15.23
N GLN A 431 -21.75 -8.86 15.86
CA GLN A 431 -20.71 -8.02 15.28
C GLN A 431 -19.45 -8.79 14.90
N LYS A 432 -19.24 -9.97 15.48
CA LYS A 432 -18.16 -10.84 15.06
C LYS A 432 -18.41 -11.45 13.68
N VAL A 433 -19.65 -11.44 13.22
CA VAL A 433 -20.03 -12.07 11.95
C VAL A 433 -20.63 -11.03 11.02
N LYS A 434 -21.68 -10.36 11.50
CA LYS A 434 -22.47 -9.48 10.66
C LYS A 434 -21.93 -8.05 10.64
N GLY A 435 -21.45 -7.55 11.78
CA GLY A 435 -20.70 -6.30 11.76
C GLY A 435 -19.39 -6.43 11.01
N LYS A 436 -18.75 -7.60 11.13
CA LYS A 436 -17.53 -7.86 10.36
C LYS A 436 -17.79 -7.74 8.86
N ALA A 437 -19.00 -8.08 8.41
CA ALA A 437 -19.34 -7.91 7.00
C ALA A 437 -19.33 -6.44 6.60
N ALA A 438 -19.94 -5.59 7.42
CA ALA A 438 -19.98 -4.16 7.10
C ALA A 438 -18.58 -3.55 7.14
N ILE A 439 -17.79 -3.91 8.15
CA ILE A 439 -16.47 -3.32 8.32
C ILE A 439 -15.52 -3.74 7.20
N ASP A 440 -15.59 -5.01 6.80
CA ASP A 440 -14.59 -5.60 5.92
C ASP A 440 -15.00 -5.64 4.46
N VAL A 441 -16.29 -5.50 4.15
CA VAL A 441 -16.77 -5.53 2.78
C VAL A 441 -17.24 -4.15 2.33
N VAL A 442 -17.97 -3.43 3.18
CA VAL A 442 -18.53 -2.14 2.81
C VAL A 442 -17.64 -1.01 3.31
N ALA A 443 -17.33 -1.03 4.61
CA ALA A 443 -16.48 0.01 5.19
C ALA A 443 -15.04 -0.06 4.71
N ALA A 444 -14.65 -1.14 4.03
CA ALA A 444 -13.35 -1.20 3.37
C ALA A 444 -13.40 -0.72 1.93
N ARG A 445 -14.57 -0.76 1.28
CA ARG A 445 -14.68 -0.25 -0.08
C ARG A 445 -14.49 1.26 -0.12
N PHE A 446 -15.00 1.97 0.90
CA PHE A 446 -14.77 3.41 1.00
C PHE A 446 -13.30 3.75 1.28
N GLY A 447 -12.48 2.76 1.62
CA GLY A 447 -11.07 3.00 1.83
C GLY A 447 -10.30 3.16 0.54
N LYS A 448 -10.34 2.14 -0.31
CA LYS A 448 -9.63 2.20 -1.59
C LYS A 448 -10.39 3.01 -2.64
N SER A 449 -11.63 3.39 -2.39
CA SER A 449 -12.36 4.30 -3.25
C SER A 449 -12.39 5.72 -2.74
N GLY A 450 -12.33 5.90 -1.42
CA GLY A 450 -12.25 7.24 -0.85
C GLY A 450 -10.91 7.92 -1.03
N GLY A 451 -9.85 7.14 -1.29
CA GLY A 451 -8.56 7.71 -1.61
C GLY A 451 -8.49 8.18 -3.04
N ALA A 452 -9.24 7.52 -3.92
CA ALA A 452 -9.34 7.96 -5.31
C ALA A 452 -10.26 9.17 -5.45
N LEU A 453 -11.34 9.23 -4.65
CA LEU A 453 -12.20 10.40 -4.66
C LEU A 453 -11.49 11.62 -4.11
N ILE A 454 -10.76 11.45 -3.01
CA ILE A 454 -9.98 12.55 -2.44
C ILE A 454 -8.94 13.01 -3.45
N GLN A 455 -8.29 12.07 -4.13
CA GLN A 455 -7.32 12.43 -5.16
C GLN A 455 -7.99 13.15 -6.32
N GLN A 456 -9.14 12.63 -6.80
CA GLN A 456 -9.82 13.26 -7.92
C GLN A 456 -10.52 14.55 -7.50
N GLY A 457 -11.12 14.56 -6.31
CA GLY A 457 -11.75 15.76 -5.80
C GLY A 457 -10.78 16.90 -5.57
N LEU A 458 -9.51 16.59 -5.34
CA LEU A 458 -8.46 17.60 -5.22
C LEU A 458 -7.66 17.77 -6.51
N LEU A 459 -7.81 16.86 -7.47
CA LEU A 459 -7.26 17.07 -8.80
C LEU A 459 -8.12 18.01 -9.64
N VAL A 460 -9.28 18.40 -9.13
CA VAL A 460 -10.11 19.42 -9.76
C VAL A 460 -10.17 20.72 -8.98
N ILE A 461 -9.86 20.70 -7.68
CA ILE A 461 -9.78 21.93 -6.91
C ILE A 461 -8.42 22.59 -7.05
N CYS A 462 -7.35 21.80 -7.17
CA CYS A 462 -6.01 22.31 -7.40
C CYS A 462 -5.58 22.26 -8.85
N GLY A 463 -6.17 21.37 -9.64
CA GLY A 463 -5.80 21.24 -11.04
C GLY A 463 -4.66 20.28 -11.28
N SER A 464 -3.49 20.60 -10.73
CA SER A 464 -2.29 19.80 -10.91
C SER A 464 -2.04 18.90 -9.71
N ILE A 465 -1.32 17.80 -9.95
CA ILE A 465 -0.98 16.88 -8.87
C ILE A 465 0.03 17.51 -7.92
N GLY A 466 0.91 18.38 -8.42
CA GLY A 466 1.92 18.98 -7.57
C GLY A 466 1.40 20.06 -6.64
N ALA A 467 0.18 20.55 -6.88
CA ALA A 467 -0.38 21.61 -6.06
C ALA A 467 -1.24 21.11 -4.91
N MET A 468 -1.65 19.83 -4.94
CA MET A 468 -2.50 19.29 -3.89
C MET A 468 -1.71 18.60 -2.78
N THR A 469 -0.38 18.64 -2.85
CA THR A 469 0.44 18.08 -1.78
C THR A 469 0.21 18.79 -0.45
N PRO A 470 0.16 20.13 -0.39
CA PRO A 470 -0.18 20.78 0.89
C PRO A 470 -1.58 20.45 1.38
N TYR A 471 -2.48 20.00 0.50
CA TYR A 471 -3.84 19.66 0.91
C TYR A 471 -3.98 18.19 1.29
N LEU A 472 -3.18 17.32 0.70
CA LEU A 472 -3.13 15.94 1.19
C LEU A 472 -2.53 15.89 2.59
N ALA A 473 -1.51 16.70 2.85
CA ALA A 473 -0.84 16.68 4.15
C ALA A 473 -1.82 16.99 5.27
N VAL A 474 -2.65 18.02 5.10
CA VAL A 474 -3.66 18.33 6.12
C VAL A 474 -4.72 17.24 6.14
N ILE A 475 -4.99 16.61 5.00
CA ILE A 475 -5.95 15.49 4.97
C ILE A 475 -5.36 14.27 5.68
N LEU A 476 -4.11 13.91 5.33
CA LEU A 476 -3.46 12.80 6.02
C LEU A 476 -3.34 13.06 7.52
N LEU A 477 -2.95 14.27 7.89
CA LEU A 477 -2.79 14.60 9.30
C LEU A 477 -4.11 14.54 10.06
N PHE A 478 -5.25 14.65 9.36
CA PHE A 478 -6.55 14.47 9.98
C PHE A 478 -6.99 13.00 9.99
N ILE A 479 -6.74 12.28 8.90
CA ILE A 479 -7.08 10.86 8.87
C ILE A 479 -6.18 10.09 9.83
N ILE A 480 -4.89 10.42 9.86
CA ILE A 480 -4.03 9.83 10.87
C ILE A 480 -4.47 10.26 12.26
N ALA A 481 -4.95 11.50 12.41
CA ALA A 481 -5.50 11.94 13.68
C ALA A 481 -6.73 11.11 14.05
N ILE A 482 -7.66 10.92 13.11
CA ILE A 482 -8.84 10.12 13.42
C ILE A 482 -8.46 8.64 13.51
N TRP A 483 -7.38 8.22 12.84
CA TRP A 483 -6.91 6.85 12.97
C TRP A 483 -6.31 6.63 14.36
N LEU A 484 -5.45 7.54 14.80
CA LEU A 484 -4.82 7.39 16.12
C LEU A 484 -5.85 7.43 17.24
N VAL A 485 -6.82 8.34 17.15
CA VAL A 485 -7.84 8.42 18.21
C VAL A 485 -8.75 7.20 18.16
N SER A 486 -9.09 6.72 16.95
CA SER A 486 -9.90 5.52 16.84
C SER A 486 -9.15 4.32 17.39
N ALA A 487 -7.87 4.19 17.06
CA ALA A 487 -7.08 3.09 17.60
C ALA A 487 -6.90 3.21 19.11
N THR A 488 -6.69 4.44 19.61
CA THR A 488 -6.51 4.64 21.04
C THR A 488 -7.82 4.47 21.80
N LYS A 489 -8.93 4.95 21.26
CA LYS A 489 -10.22 4.75 21.91
C LYS A 489 -10.70 3.30 21.79
N LEU A 490 -10.31 2.60 20.73
CA LEU A 490 -10.66 1.20 20.58
C LEU A 490 -9.98 0.35 21.65
N ASN A 491 -8.74 0.69 22.01
CA ASN A 491 -8.00 -0.07 23.00
C ASN A 491 -8.71 -0.09 24.34
N LYS A 492 -9.32 1.03 24.73
CA LYS A 492 -10.08 1.05 25.97
C LYS A 492 -11.28 0.12 25.90
N LEU A 493 -11.93 0.03 24.74
CA LEU A 493 -13.04 -0.91 24.59
C LEU A 493 -12.57 -2.35 24.48
N PHE A 494 -11.51 -2.60 23.72
CA PHE A 494 -11.01 -3.97 23.57
C PHE A 494 -10.53 -4.55 24.89
N LEU A 495 -9.64 -3.83 25.58
CA LEU A 495 -9.13 -4.34 26.85
C LEU A 495 -10.22 -4.45 27.90
N ALA A 496 -11.31 -3.71 27.74
CA ALA A 496 -12.46 -3.87 28.64
C ALA A 496 -13.34 -5.02 28.21
N GLN A 497 -13.73 -5.06 26.93
CA GLN A 497 -14.58 -6.14 26.45
C GLN A 497 -13.89 -7.49 26.55
N SER A 498 -12.56 -7.51 26.41
CA SER A 498 -11.82 -8.74 26.66
C SER A 498 -11.92 -9.17 28.11
N ALA A 499 -11.98 -8.21 29.04
CA ALA A 499 -12.08 -8.53 30.46
C ALA A 499 -13.40 -9.19 30.80
N LEU A 500 -14.47 -8.86 30.07
CA LEU A 500 -15.76 -9.52 30.28
C LEU A 500 -15.71 -11.00 29.92
N LYS A 501 -14.77 -11.42 29.06
CA LYS A 501 -14.73 -12.80 28.61
C LYS A 501 -14.18 -13.74 29.67
N GLU A 502 -13.57 -13.22 30.74
CA GLU A 502 -13.12 -14.03 31.86
C GLU A 502 -14.18 -14.18 32.94
N GLN A 503 -15.46 -14.13 32.55
CA GLN A 503 -16.60 -14.39 33.43
C GLN A 503 -16.37 -15.51 34.44
N GLU B 1 38.63 32.06 11.84
CA GLU B 1 39.01 30.77 12.38
C GLU B 1 38.70 29.65 11.40
N VAL B 2 37.46 29.64 10.90
CA VAL B 2 37.02 28.65 9.92
C VAL B 2 36.71 29.36 8.62
N GLN B 3 37.47 30.43 8.34
CA GLN B 3 37.24 31.25 7.17
C GLN B 3 37.35 30.44 5.88
N LEU B 4 36.52 30.79 4.91
CA LEU B 4 36.53 30.16 3.58
C LEU B 4 36.69 31.29 2.56
N VAL B 5 37.93 31.54 2.15
CA VAL B 5 38.23 32.61 1.21
C VAL B 5 37.87 32.14 -0.20
N GLU B 6 36.94 32.83 -0.84
CA GLU B 6 36.56 32.54 -2.21
C GLU B 6 37.44 33.33 -3.17
N SER B 7 37.24 33.10 -4.47
CA SER B 7 38.00 33.77 -5.51
C SER B 7 37.25 33.60 -6.83
N GLY B 8 37.89 34.00 -7.93
CA GLY B 8 37.42 33.71 -9.26
C GLY B 8 36.33 34.60 -9.80
N GLY B 9 35.79 35.52 -8.99
CA GLY B 9 34.70 36.34 -9.46
C GLY B 9 35.13 37.34 -10.52
N GLY B 10 34.18 37.71 -11.37
CA GLY B 10 34.44 38.67 -12.42
C GLY B 10 33.36 38.61 -13.49
N LEU B 11 33.49 39.51 -14.46
CA LEU B 11 32.56 39.57 -15.57
C LEU B 11 33.10 38.72 -16.72
N VAL B 12 32.24 37.84 -17.23
CA VAL B 12 32.58 36.97 -18.36
C VAL B 12 31.41 36.94 -19.32
N GLN B 13 31.70 36.86 -20.61
CA GLN B 13 30.68 36.83 -21.64
C GLN B 13 29.90 35.52 -21.57
N ALA B 14 28.68 35.54 -22.10
CA ALA B 14 27.89 34.34 -22.22
C ALA B 14 28.63 33.30 -23.04
N GLY B 15 28.55 32.04 -22.62
CA GLY B 15 29.32 31.00 -23.27
C GLY B 15 30.80 31.02 -22.93
N GLY B 16 31.18 31.77 -21.91
CA GLY B 16 32.55 31.85 -21.44
C GLY B 16 32.82 30.84 -20.33
N SER B 17 33.76 31.19 -19.46
CA SER B 17 34.10 30.31 -18.35
C SER B 17 34.88 31.10 -17.30
N LEU B 18 34.64 30.75 -16.04
CA LEU B 18 35.51 31.19 -14.95
C LEU B 18 35.47 30.10 -13.88
N ARG B 19 36.58 29.97 -13.15
CA ARG B 19 36.80 28.86 -12.23
C ARG B 19 36.96 29.40 -10.83
N LEU B 20 36.03 29.05 -9.94
CA LEU B 20 36.08 29.53 -8.57
C LEU B 20 37.14 28.80 -7.78
N SER B 21 37.34 29.28 -6.54
CA SER B 21 38.21 28.63 -5.57
C SER B 21 37.67 28.95 -4.19
N CYS B 22 37.97 28.08 -3.23
CA CYS B 22 37.57 28.29 -1.84
C CYS B 22 38.70 27.79 -0.95
N ALA B 23 39.59 28.72 -0.58
CA ALA B 23 40.64 28.39 0.37
C ALA B 23 40.01 27.99 1.70
N ALA B 24 40.43 26.85 2.24
CA ALA B 24 39.82 26.28 3.43
C ALA B 24 40.87 26.16 4.53
N SER B 25 40.55 26.69 5.70
CA SER B 25 41.44 26.58 6.86
C SER B 25 40.59 26.57 8.12
N GLY B 26 41.14 25.98 9.18
CA GLY B 26 40.43 25.84 10.44
C GLY B 26 39.75 24.51 10.66
N PHE B 27 39.97 23.54 9.77
CA PHE B 27 39.39 22.21 9.91
C PHE B 27 40.19 21.25 9.05
N THR B 28 39.82 19.97 9.11
CA THR B 28 40.47 18.93 8.31
C THR B 28 39.73 18.83 6.99
N PHE B 29 40.29 19.44 5.94
CA PHE B 29 39.66 19.47 4.63
C PHE B 29 39.48 18.06 4.08
N SER B 30 40.36 17.13 4.47
CA SER B 30 40.24 15.75 4.00
C SER B 30 38.99 15.06 4.52
N ASP B 31 38.41 15.54 5.61
CA ASP B 31 37.20 14.97 6.20
C ASP B 31 36.18 16.07 6.48
N THR B 32 35.99 16.95 5.52
CA THR B 32 35.02 18.04 5.61
C THR B 32 34.26 18.14 4.30
N TYR B 33 32.94 18.27 4.38
CA TYR B 33 32.09 18.11 3.20
C TYR B 33 31.94 19.46 2.52
N MET B 34 32.28 19.52 1.24
CA MET B 34 32.38 20.78 0.53
C MET B 34 31.15 20.99 -0.36
N GLY B 35 31.11 22.15 -0.99
CA GLY B 35 30.01 22.49 -1.88
C GLY B 35 30.11 23.93 -2.33
N TRP B 36 29.10 24.36 -3.08
CA TRP B 36 29.02 25.72 -3.59
C TRP B 36 27.56 26.10 -3.78
N PHE B 37 27.16 27.23 -3.23
CA PHE B 37 25.82 27.77 -3.42
C PHE B 37 25.90 29.07 -4.22
N ARG B 38 24.75 29.70 -4.41
CA ARG B 38 24.69 31.00 -5.06
C ARG B 38 23.38 31.67 -4.67
N GLN B 39 23.41 33.00 -4.58
CA GLN B 39 22.23 33.79 -4.18
C GLN B 39 22.18 35.03 -5.05
N ALA B 40 21.35 34.99 -6.09
CA ALA B 40 21.15 36.16 -6.91
C ALA B 40 20.47 37.27 -6.11
N PRO B 41 20.79 38.53 -6.38
CA PRO B 41 20.14 39.63 -5.64
C PRO B 41 18.63 39.65 -5.87
N GLY B 42 17.88 39.40 -4.81
CA GLY B 42 16.43 39.35 -4.91
C GLY B 42 15.86 37.97 -4.68
N LYS B 43 16.53 36.95 -5.21
CA LYS B 43 16.11 35.57 -5.04
C LYS B 43 16.91 34.90 -3.92
N GLU B 44 16.37 33.79 -3.42
CA GLU B 44 16.99 33.08 -2.32
C GLU B 44 18.23 32.31 -2.80
N ARG B 45 18.88 31.64 -1.86
CA ARG B 45 20.11 30.92 -2.14
C ARG B 45 19.80 29.48 -2.55
N GLU B 46 20.45 29.02 -3.60
CA GLU B 46 20.29 27.67 -4.12
C GLU B 46 21.67 27.02 -4.21
N PHE B 47 21.69 25.69 -4.12
CA PHE B 47 22.97 24.99 -4.20
C PHE B 47 23.31 24.77 -5.66
N VAL B 48 24.60 24.78 -5.95
CA VAL B 48 25.09 24.72 -7.32
C VAL B 48 25.98 23.52 -7.59
N ALA B 49 26.69 23.02 -6.58
CA ALA B 49 27.56 21.87 -6.75
C ALA B 49 27.76 21.25 -5.37
N THR B 50 28.36 20.06 -5.34
CA THR B 50 28.59 19.35 -4.10
C THR B 50 29.61 18.25 -4.35
N ILE B 51 30.58 18.14 -3.45
CA ILE B 51 31.65 17.15 -3.56
C ILE B 51 31.85 16.51 -2.19
N ASP B 52 32.10 15.20 -2.18
CA ASP B 52 32.11 14.43 -0.94
C ASP B 52 33.48 14.49 -0.27
N TYR B 53 33.66 13.64 0.74
CA TYR B 53 34.89 13.58 1.54
C TYR B 53 36.09 13.12 0.72
N SER B 54 35.88 12.32 -0.32
CA SER B 54 36.97 11.70 -1.05
C SER B 54 36.93 12.03 -2.54
N GLY B 55 36.15 13.04 -2.95
CA GLY B 55 36.11 13.43 -4.34
C GLY B 55 35.31 12.54 -5.25
N GLY B 56 34.66 11.50 -4.72
CA GLY B 56 33.97 10.54 -5.56
C GLY B 56 32.56 10.92 -5.94
N HIS B 57 31.79 11.42 -4.97
CA HIS B 57 30.38 11.75 -5.18
C HIS B 57 30.26 13.24 -5.51
N THR B 58 29.73 13.53 -6.68
CA THR B 58 29.54 14.90 -7.16
C THR B 58 28.04 15.12 -7.40
N LEU B 59 27.38 15.80 -6.47
CA LEU B 59 25.96 16.12 -6.63
C LEU B 59 25.82 17.55 -7.12
N TYR B 60 25.01 17.74 -8.16
CA TYR B 60 24.80 19.04 -8.78
C TYR B 60 23.33 19.42 -8.69
N ALA B 61 23.04 20.67 -9.02
CA ALA B 61 21.68 21.12 -9.21
C ALA B 61 21.29 20.95 -10.67
N ASP B 62 20.00 20.69 -10.90
CA ASP B 62 19.53 20.39 -12.25
C ASP B 62 19.72 21.56 -13.21
N SER B 63 19.94 22.77 -12.72
CA SER B 63 20.13 23.93 -13.57
C SER B 63 21.57 24.13 -14.03
N VAL B 64 22.53 23.37 -13.47
CA VAL B 64 23.93 23.57 -13.79
C VAL B 64 24.61 22.25 -14.12
N LYS B 65 23.81 21.21 -14.38
CA LYS B 65 24.38 19.91 -14.73
C LYS B 65 25.10 19.97 -16.06
N GLY B 66 26.28 19.36 -16.11
CA GLY B 66 27.07 19.30 -17.33
C GLY B 66 27.94 20.53 -17.53
N ARG B 67 27.43 21.70 -17.17
CA ARG B 67 28.19 22.93 -17.37
C ARG B 67 29.19 23.15 -16.24
N PHE B 68 28.80 22.91 -15.01
CA PHE B 68 29.64 23.16 -13.84
C PHE B 68 30.19 21.84 -13.32
N THR B 69 31.46 21.84 -12.92
CA THR B 69 32.09 20.63 -12.40
C THR B 69 32.82 20.98 -11.10
N ILE B 70 32.39 20.40 -9.99
CA ILE B 70 33.02 20.63 -8.70
C ILE B 70 34.20 19.68 -8.55
N SER B 71 35.26 20.16 -7.92
CA SER B 71 36.45 19.35 -7.72
C SER B 71 37.20 19.88 -6.49
N ARG B 72 37.64 18.97 -5.63
CA ARG B 72 38.39 19.35 -4.45
C ARG B 72 39.71 18.60 -4.42
N ASP B 73 40.72 19.23 -3.84
CA ASP B 73 42.06 18.66 -3.71
C ASP B 73 42.50 18.79 -2.26
N ASN B 74 42.64 17.66 -1.57
CA ASN B 74 42.93 17.71 -0.14
C ASN B 74 44.31 18.27 0.16
N SER B 75 45.29 18.01 -0.72
CA SER B 75 46.63 18.55 -0.52
C SER B 75 46.64 20.07 -0.63
N LYS B 76 46.28 20.59 -1.80
CA LYS B 76 46.08 22.01 -2.02
C LYS B 76 44.62 22.34 -1.63
N ASN B 77 44.43 22.54 -0.32
CA ASN B 77 43.09 22.50 0.26
C ASN B 77 42.17 23.57 -0.33
N THR B 78 41.27 23.14 -1.20
CA THR B 78 40.38 24.05 -1.94
C THR B 78 39.28 23.25 -2.62
N VAL B 79 38.03 23.69 -2.46
CA VAL B 79 36.92 23.13 -3.23
C VAL B 79 36.74 24.02 -4.46
N TYR B 80 37.38 23.61 -5.55
CA TYR B 80 37.26 24.33 -6.81
C TYR B 80 35.89 24.12 -7.43
N LEU B 81 35.60 24.92 -8.45
CA LEU B 81 34.36 24.81 -9.20
C LEU B 81 34.61 25.34 -10.60
N GLN B 82 34.62 24.46 -11.59
CA GLN B 82 34.86 24.83 -12.98
C GLN B 82 33.52 25.07 -13.66
N MET B 83 33.23 26.32 -13.99
CA MET B 83 32.02 26.66 -14.72
C MET B 83 32.35 26.90 -16.20
N ASN B 84 31.48 26.40 -17.07
CA ASN B 84 31.64 26.48 -18.50
C ASN B 84 30.29 26.76 -19.14
N SER B 85 30.32 27.38 -20.31
CA SER B 85 29.10 27.73 -21.05
C SER B 85 28.12 28.53 -20.18
N LEU B 86 28.66 29.55 -19.52
CA LEU B 86 27.89 30.34 -18.59
C LEU B 86 26.74 31.06 -19.30
N ASN B 87 25.52 30.95 -18.74
CA ASN B 87 24.35 31.65 -19.24
C ASN B 87 23.93 32.76 -18.28
N PRO B 88 23.20 33.77 -18.76
CA PRO B 88 23.02 34.99 -17.95
C PRO B 88 22.39 34.77 -16.58
N GLU B 89 21.62 33.70 -16.37
CA GLU B 89 21.03 33.53 -15.05
C GLU B 89 21.99 32.96 -14.02
N ASP B 90 23.28 32.82 -14.34
CA ASP B 90 24.29 32.43 -13.35
C ASP B 90 24.88 33.63 -12.62
N THR B 91 24.23 34.79 -12.68
CA THR B 91 24.71 35.96 -11.95
C THR B 91 24.20 35.91 -10.51
N ALA B 92 25.11 35.80 -9.56
CA ALA B 92 24.78 35.68 -8.15
C ALA B 92 26.06 35.87 -7.34
N VAL B 93 25.94 35.73 -6.03
CA VAL B 93 27.10 35.69 -5.14
C VAL B 93 27.34 34.23 -4.79
N TYR B 94 28.36 33.64 -5.41
CA TYR B 94 28.59 32.21 -5.35
C TYR B 94 29.26 31.86 -4.04
N TYR B 95 28.44 31.51 -3.04
CA TYR B 95 28.97 31.16 -1.73
C TYR B 95 29.67 29.81 -1.75
N CYS B 96 30.79 29.73 -1.03
CA CYS B 96 31.39 28.45 -0.71
C CYS B 96 30.62 27.78 0.42
N ALA B 97 30.95 26.53 0.70
CA ALA B 97 30.27 25.80 1.76
C ALA B 97 31.21 24.74 2.32
N ALA B 98 30.89 24.30 3.54
CA ALA B 98 31.73 23.35 4.25
C ALA B 98 30.93 22.70 5.37
N ARG B 99 31.03 21.37 5.47
CA ARG B 99 30.38 20.64 6.55
C ARG B 99 31.33 19.59 7.09
N LYS B 100 31.39 19.47 8.41
CA LYS B 100 32.27 18.49 9.04
C LYS B 100 31.65 17.09 8.95
N ARG B 101 32.45 16.09 9.31
CA ARG B 101 32.08 14.71 9.05
C ARG B 101 30.81 14.28 9.79
N TYR B 102 30.47 14.94 10.90
CA TYR B 102 29.25 14.58 11.63
C TYR B 102 28.44 15.79 12.07
N HIS B 103 28.74 16.99 11.58
CA HIS B 103 27.95 18.17 11.86
C HIS B 103 26.79 18.28 10.88
N TYR B 104 25.72 18.95 11.32
CA TYR B 104 24.52 19.10 10.51
C TYR B 104 24.35 20.51 9.97
N TYR B 105 25.30 21.40 10.19
CA TYR B 105 25.25 22.78 9.70
C TYR B 105 26.52 23.06 8.90
N SER B 106 26.56 24.22 8.25
CA SER B 106 27.64 24.53 7.33
C SER B 106 28.31 25.86 7.67
N TYR B 107 29.64 25.85 7.66
CA TYR B 107 30.44 27.07 7.75
C TYR B 107 30.39 27.74 6.38
N TRP B 108 29.72 28.89 6.31
CA TRP B 108 29.57 29.59 5.05
C TRP B 108 30.86 30.34 4.71
N GLY B 109 30.87 30.95 3.52
CA GLY B 109 31.99 31.74 3.08
C GLY B 109 31.57 33.19 2.84
N GLN B 110 32.57 34.04 2.60
CA GLN B 110 32.33 35.46 2.39
C GLN B 110 31.40 35.70 1.21
N GLY B 111 31.83 35.28 0.02
CA GLY B 111 31.02 35.42 -1.17
C GLY B 111 31.74 36.07 -2.32
N THR B 112 31.75 35.40 -3.48
CA THR B 112 32.36 35.91 -4.68
C THR B 112 31.27 36.32 -5.67
N GLN B 113 31.44 37.47 -6.31
CA GLN B 113 30.46 38.00 -7.24
C GLN B 113 30.80 37.54 -8.64
N VAL B 114 29.89 36.81 -9.27
CA VAL B 114 30.06 36.29 -10.62
C VAL B 114 28.93 36.86 -11.46
N THR B 115 29.20 37.97 -12.14
CA THR B 115 28.24 38.59 -13.05
C THR B 115 28.59 38.15 -14.46
N VAL B 116 27.73 37.32 -15.05
CA VAL B 116 27.90 36.88 -16.44
C VAL B 116 27.16 37.87 -17.34
N SER B 117 27.91 38.54 -18.21
CA SER B 117 27.36 39.64 -18.99
C SER B 117 26.57 39.11 -20.18
N SER B 118 26.00 40.03 -20.95
CA SER B 118 25.25 39.68 -22.15
C SER B 118 25.54 40.62 -23.31
N LEU B 119 26.59 41.44 -23.23
CA LEU B 119 26.90 42.36 -24.32
C LEU B 119 27.26 41.57 -25.58
N GLU B 120 26.98 42.17 -26.73
CA GLU B 120 27.04 41.43 -27.99
C GLU B 120 28.47 41.03 -28.31
N HIS B 121 29.36 42.01 -28.47
CA HIS B 121 30.79 41.73 -28.66
C HIS B 121 31.61 43.00 -28.44
#